data_9IC4
#
_entry.id   9IC4
#
_cell.length_a   80.957
_cell.length_b   96.849
_cell.length_c   71.719
_cell.angle_alpha   90.000
_cell.angle_beta   90.000
_cell.angle_gamma   90.000
#
_symmetry.space_group_name_H-M   'C 2 2 21'
#
loop_
_entity.id
_entity.type
_entity.pdbx_description
1 polymer 'Competence protein'
2 non-polymer 'PHOSPHATE ION'
3 water water
#
_entity_poly.entity_id   1
_entity_poly.type   'polypeptide(L)'
_entity_poly.pdbx_seq_one_letter_code
;QEELKVTFIDVGQGDAIYLATPAGRHLLVDGGGRPYDQGDFDVGERVVVPFLHRQGVRHLDVVVSTHPDADHIGGLAAVV
RGMPVSLVVVPPLRGAMLDAYRPFLAELQARGIPWQEAGRGDALALDPDLNIQVLHPGREISGSNSDSNNNSLVLKVIYR
QFSLLLSADIEAEAMADLKANGADVRSTVFKVPHHGSRYGLEREFLKQVAPQVVVIPVGEKNNFGHPAPEILSYWQEMGV
PVYRTDRQGAIIIKSDGERWQVNTTI
;
_entity_poly.pdbx_strand_id   A
#
# COMPACT_ATOMS: atom_id res chain seq x y z
N GLN A 1 14.40 3.35 19.32
CA GLN A 1 14.09 4.64 18.69
C GLN A 1 14.95 4.88 17.47
N GLU A 2 15.29 3.79 16.78
CA GLU A 2 15.79 3.87 15.43
C GLU A 2 14.77 4.54 14.53
N GLU A 3 15.24 5.12 13.43
CA GLU A 3 14.34 5.78 12.52
C GLU A 3 13.42 4.78 11.83
N LEU A 4 12.23 5.26 11.46
CA LEU A 4 11.38 4.54 10.54
C LEU A 4 11.97 4.63 9.13
N LYS A 5 11.99 3.50 8.42
CA LYS A 5 12.49 3.48 7.04
C LYS A 5 11.46 2.78 6.18
N VAL A 6 11.00 3.47 5.13
CA VAL A 6 9.97 2.97 4.23
C VAL A 6 10.54 2.93 2.83
N THR A 7 10.46 1.79 2.17
CA THR A 7 10.92 1.68 0.79
C THR A 7 9.76 1.32 -0.12
N PHE A 8 9.51 2.17 -1.12
CA PHE A 8 8.61 1.84 -2.23
C PHE A 8 9.46 1.10 -3.26
N ILE A 9 9.39 -0.23 -3.22
CA ILE A 9 10.19 -1.07 -4.10
C ILE A 9 9.80 -0.82 -5.54
N ASP A 10 10.79 -0.77 -6.43
CA ASP A 10 10.50 -0.60 -7.85
C ASP A 10 10.03 -1.94 -8.40
N VAL A 11 8.73 -2.13 -8.49
CA VAL A 11 8.16 -3.36 -9.05
C VAL A 11 7.44 -3.08 -10.36
N GLY A 12 7.79 -2.00 -11.04
CA GLY A 12 7.10 -1.67 -12.28
C GLY A 12 5.71 -1.14 -12.02
N GLN A 13 4.75 -1.61 -12.81
CA GLN A 13 3.35 -1.23 -12.66
C GLN A 13 2.75 -2.07 -11.54
N GLY A 14 2.97 -1.60 -10.32
CA GLY A 14 2.53 -2.29 -9.12
C GLY A 14 3.05 -1.57 -7.91
N ASP A 15 2.47 -1.93 -6.77
CA ASP A 15 2.86 -1.42 -5.46
C ASP A 15 3.54 -2.52 -4.66
N ALA A 16 4.64 -2.20 -3.99
CA ALA A 16 5.14 -3.07 -2.92
C ALA A 16 5.92 -2.17 -1.97
N ILE A 17 5.47 -2.10 -0.72
CA ILE A 17 5.96 -1.10 0.22
C ILE A 17 6.46 -1.81 1.45
N TYR A 18 7.75 -1.66 1.73
CA TYR A 18 8.37 -2.33 2.87
C TYR A 18 8.62 -1.28 3.95
N LEU A 19 8.13 -1.56 5.15
CA LEU A 19 8.32 -0.65 6.28
C LEU A 19 9.16 -1.34 7.35
N ALA A 20 10.29 -0.75 7.69
CA ALA A 20 11.13 -1.17 8.80
C ALA A 20 10.79 -0.24 9.97
N THR A 21 10.14 -0.78 11.00
CA THR A 21 9.64 0.08 12.06
C THR A 21 10.73 0.40 13.08
N PRO A 22 10.53 1.42 13.90
CA PRO A 22 11.61 1.82 14.84
C PRO A 22 12.08 0.71 15.76
N ALA A 23 11.17 -0.11 16.26
CA ALA A 23 11.55 -1.21 17.14
C ALA A 23 12.19 -2.38 16.40
N GLY A 24 12.20 -2.35 15.08
CA GLY A 24 12.77 -3.42 14.30
C GLY A 24 11.80 -4.43 13.77
N ARG A 25 10.52 -4.09 13.64
N ARG A 25 10.52 -4.09 13.67
CA ARG A 25 9.54 -4.98 13.04
CA ARG A 25 9.55 -4.96 13.03
C ARG A 25 9.49 -4.74 11.53
C ARG A 25 9.63 -4.81 11.52
N HIS A 26 9.03 -5.76 10.81
CA HIS A 26 9.08 -5.81 9.36
C HIS A 26 7.65 -5.94 8.82
N LEU A 27 7.26 -4.98 7.99
CA LEU A 27 5.91 -4.89 7.47
C LEU A 27 5.97 -4.75 5.96
N LEU A 28 5.21 -5.55 5.24
CA LEU A 28 5.15 -5.45 3.79
C LEU A 28 3.71 -5.18 3.38
N VAL A 29 3.48 -4.09 2.65
CA VAL A 29 2.17 -3.76 2.12
C VAL A 29 2.20 -4.00 0.62
N ASP A 30 1.53 -5.08 0.19
CA ASP A 30 1.41 -5.51 -1.20
C ASP A 30 2.72 -6.00 -1.80
N GLY A 31 2.62 -6.68 -2.94
CA GLY A 31 3.77 -7.34 -3.52
C GLY A 31 3.78 -7.29 -5.03
N GLY A 32 3.30 -6.20 -5.59
CA GLY A 32 3.32 -5.97 -7.02
C GLY A 32 1.98 -6.00 -7.71
N GLY A 33 0.92 -6.42 -7.02
CA GLY A 33 -0.40 -6.35 -7.61
C GLY A 33 -0.62 -7.27 -8.80
N ARG A 34 -1.67 -6.97 -9.54
CA ARG A 34 -2.11 -7.82 -10.64
C ARG A 34 -1.00 -7.94 -11.69
N PRO A 35 -0.62 -9.17 -12.10
CA PRO A 35 0.36 -9.29 -13.17
C PRO A 35 -0.19 -8.85 -14.51
N TYR A 36 0.10 -7.62 -14.93
CA TYR A 36 -0.16 -7.20 -16.30
C TYR A 36 0.89 -7.75 -17.26
N ASP A 37 2.06 -8.15 -16.74
CA ASP A 37 3.08 -8.83 -17.51
C ASP A 37 2.80 -10.32 -17.68
N GLN A 38 1.55 -10.74 -17.48
CA GLN A 38 1.09 -12.11 -17.67
C GLN A 38 1.66 -13.07 -16.63
N GLY A 39 2.38 -12.58 -15.63
CA GLY A 39 2.88 -13.40 -14.56
C GLY A 39 4.03 -14.32 -14.89
N ASP A 40 4.38 -14.48 -16.17
CA ASP A 40 5.54 -15.29 -16.53
C ASP A 40 6.75 -14.91 -15.69
N PHE A 41 6.96 -13.60 -15.49
CA PHE A 41 7.95 -13.06 -14.57
C PHE A 41 7.21 -12.76 -13.26
N ASP A 42 7.51 -13.54 -12.22
CA ASP A 42 6.88 -13.36 -10.91
C ASP A 42 7.64 -12.27 -10.17
N VAL A 43 7.04 -11.10 -10.05
CA VAL A 43 7.74 -10.00 -9.41
C VAL A 43 8.01 -10.31 -7.94
N GLY A 44 7.20 -11.16 -7.34
CA GLY A 44 7.43 -11.52 -5.94
C GLY A 44 8.70 -12.33 -5.76
N GLU A 45 8.88 -13.34 -6.60
CA GLU A 45 10.08 -14.18 -6.53
C GLU A 45 11.32 -13.44 -6.97
N ARG A 46 11.18 -12.59 -7.99
CA ARG A 46 12.33 -12.03 -8.70
C ARG A 46 12.75 -10.67 -8.19
N VAL A 47 11.84 -9.92 -7.59
CA VAL A 47 12.11 -8.56 -7.14
C VAL A 47 11.90 -8.41 -5.64
N VAL A 48 10.74 -8.80 -5.15
CA VAL A 48 10.38 -8.43 -3.77
C VAL A 48 11.18 -9.25 -2.77
N VAL A 49 11.11 -10.58 -2.85
CA VAL A 49 11.82 -11.42 -1.89
C VAL A 49 13.32 -11.15 -1.96
N PRO A 50 13.94 -11.06 -3.14
CA PRO A 50 15.36 -10.67 -3.17
C PRO A 50 15.63 -9.30 -2.54
N PHE A 51 14.72 -8.34 -2.73
CA PHE A 51 14.88 -7.05 -2.06
C PHE A 51 14.96 -7.24 -0.56
N LEU A 52 14.00 -8.00 0.00
CA LEU A 52 13.95 -8.19 1.44
C LEU A 52 15.20 -8.89 1.95
N HIS A 53 15.71 -9.87 1.20
CA HIS A 53 16.98 -10.46 1.59
C HIS A 53 18.10 -9.43 1.57
N ARG A 54 18.13 -8.57 0.54
CA ARG A 54 19.19 -7.58 0.48
C ARG A 54 19.06 -6.53 1.58
N GLN A 55 17.88 -6.33 2.15
CA GLN A 55 17.74 -5.45 3.31
C GLN A 55 17.97 -6.17 4.64
N GLY A 56 18.22 -7.48 4.62
CA GLY A 56 18.50 -8.23 5.82
C GLY A 56 17.30 -8.89 6.46
N VAL A 57 16.14 -8.85 5.82
CA VAL A 57 14.91 -9.38 6.39
C VAL A 57 14.91 -10.91 6.26
N ARG A 58 14.63 -11.60 7.36
CA ARG A 58 14.47 -13.04 7.34
C ARG A 58 13.06 -13.51 7.65
N HIS A 59 12.23 -12.65 8.22
CA HIS A 59 10.81 -12.93 8.38
C HIS A 59 10.07 -11.60 8.36
N LEU A 60 8.78 -11.67 8.03
CA LEU A 60 7.90 -10.52 8.04
C LEU A 60 6.91 -10.67 9.18
N ASP A 61 6.80 -9.64 10.01
CA ASP A 61 5.82 -9.67 11.09
C ASP A 61 4.41 -9.55 10.54
N VAL A 62 4.21 -8.70 9.54
CA VAL A 62 2.91 -8.48 8.95
C VAL A 62 3.05 -8.33 7.44
N VAL A 63 2.17 -8.99 6.71
CA VAL A 63 1.98 -8.79 5.28
C VAL A 63 0.55 -8.30 5.08
N VAL A 64 0.39 -7.19 4.37
CA VAL A 64 -0.94 -6.63 4.08
C VAL A 64 -1.24 -6.84 2.61
N SER A 65 -2.36 -7.50 2.32
CA SER A 65 -2.88 -7.62 0.96
C SER A 65 -4.02 -6.61 0.85
N THR A 66 -3.79 -5.51 0.12
CA THR A 66 -4.75 -4.42 0.19
C THR A 66 -5.97 -4.61 -0.70
N HIS A 67 -5.89 -5.48 -1.69
CA HIS A 67 -6.97 -5.45 -2.68
C HIS A 67 -7.92 -6.61 -2.47
N PRO A 68 -9.24 -6.39 -2.51
CA PRO A 68 -10.18 -7.50 -2.29
C PRO A 68 -10.29 -8.47 -3.47
N ASP A 69 -9.75 -8.14 -4.63
CA ASP A 69 -9.79 -9.01 -5.80
C ASP A 69 -8.53 -9.85 -5.83
N ALA A 70 -8.69 -11.17 -5.74
CA ALA A 70 -7.55 -12.05 -5.52
C ALA A 70 -6.56 -12.08 -6.68
N ASP A 71 -6.97 -11.72 -7.89
CA ASP A 71 -5.97 -11.68 -8.96
C ASP A 71 -5.05 -10.46 -8.83
N HIS A 72 -5.20 -9.68 -7.77
CA HIS A 72 -4.23 -8.64 -7.41
C HIS A 72 -3.25 -9.10 -6.35
N ILE A 73 -3.38 -10.32 -5.83
CA ILE A 73 -2.45 -10.80 -4.80
C ILE A 73 -1.04 -10.78 -5.36
N GLY A 74 -0.86 -11.32 -6.56
CA GLY A 74 0.42 -11.18 -7.25
C GLY A 74 1.56 -11.74 -6.44
N GLY A 75 2.61 -10.93 -6.29
CA GLY A 75 3.84 -11.38 -5.69
C GLY A 75 3.73 -11.75 -4.23
N LEU A 76 2.60 -11.48 -3.58
CA LEU A 76 2.47 -11.86 -2.18
C LEU A 76 2.43 -13.37 -2.02
N ALA A 77 1.91 -14.10 -3.00
CA ALA A 77 2.02 -15.55 -2.97
C ALA A 77 3.48 -15.97 -2.84
N ALA A 78 4.34 -15.41 -3.68
CA ALA A 78 5.76 -15.77 -3.63
C ALA A 78 6.39 -15.36 -2.30
N VAL A 79 5.91 -14.26 -1.70
CA VAL A 79 6.48 -13.82 -0.43
C VAL A 79 6.17 -14.83 0.66
N VAL A 80 4.92 -15.27 0.76
CA VAL A 80 4.58 -16.20 1.84
C VAL A 80 5.17 -17.58 1.56
N ARG A 81 5.50 -17.88 0.31
CA ARG A 81 6.18 -19.14 -0.01
C ARG A 81 7.69 -19.04 0.19
N GLY A 82 8.22 -17.82 0.20
CA GLY A 82 9.65 -17.64 0.22
C GLY A 82 10.21 -17.21 1.55
N MET A 83 9.39 -16.91 2.54
CA MET A 83 9.94 -16.54 3.84
C MET A 83 8.84 -16.59 4.87
N PRO A 84 9.19 -16.79 6.13
CA PRO A 84 8.19 -16.84 7.21
C PRO A 84 7.44 -15.51 7.35
N VAL A 85 6.15 -15.63 7.60
CA VAL A 85 5.23 -14.51 7.76
C VAL A 85 4.38 -14.79 8.98
N SER A 86 4.32 -13.83 9.92
CA SER A 86 3.63 -14.06 11.17
C SER A 86 2.13 -13.76 11.10
N LEU A 87 1.70 -12.92 10.16
CA LEU A 87 0.32 -12.48 10.09
C LEU A 87 0.07 -11.90 8.71
N VAL A 88 -1.08 -12.22 8.13
CA VAL A 88 -1.54 -11.60 6.90
C VAL A 88 -2.81 -10.82 7.19
N VAL A 89 -2.88 -9.58 6.71
CA VAL A 89 -4.04 -8.73 6.87
C VAL A 89 -4.68 -8.55 5.49
N VAL A 90 -5.99 -8.73 5.43
CA VAL A 90 -6.74 -8.55 4.18
C VAL A 90 -7.92 -7.63 4.47
N PRO A 91 -8.52 -7.08 3.42
CA PRO A 91 -9.75 -6.29 3.63
C PRO A 91 -10.91 -7.20 3.95
N PRO A 92 -12.07 -6.65 4.31
CA PRO A 92 -13.26 -7.49 4.50
C PRO A 92 -13.56 -8.23 3.20
N LEU A 93 -13.65 -9.55 3.29
CA LEU A 93 -13.91 -10.41 2.14
C LEU A 93 -15.36 -10.87 2.18
N ARG A 94 -16.04 -10.74 1.05
CA ARG A 94 -17.47 -11.01 0.97
C ARG A 94 -17.78 -11.59 -0.39
N GLY A 95 -18.80 -12.45 -0.45
CA GLY A 95 -19.32 -12.90 -1.73
C GLY A 95 -18.28 -13.54 -2.60
N ALA A 96 -18.30 -13.18 -3.89
CA ALA A 96 -17.34 -13.73 -4.83
C ALA A 96 -15.92 -13.32 -4.50
N MET A 97 -15.73 -12.20 -3.80
CA MET A 97 -14.39 -11.79 -3.38
C MET A 97 -13.76 -12.84 -2.47
N LEU A 98 -14.49 -13.25 -1.43
CA LEU A 98 -14.01 -14.35 -0.60
C LEU A 98 -13.71 -15.57 -1.45
N ASP A 99 -14.64 -15.92 -2.35
CA ASP A 99 -14.45 -17.08 -3.22
C ASP A 99 -13.06 -17.12 -3.82
N ALA A 100 -12.66 -16.00 -4.44
CA ALA A 100 -11.42 -15.96 -5.22
C ALA A 100 -10.20 -16.00 -4.31
N TYR A 101 -10.35 -15.53 -3.07
CA TYR A 101 -9.28 -15.55 -2.09
C TYR A 101 -9.09 -16.92 -1.44
N ARG A 102 -9.97 -17.87 -1.70
CA ARG A 102 -9.98 -19.09 -0.89
C ARG A 102 -8.71 -19.90 -1.07
N PRO A 103 -8.18 -20.01 -2.28
CA PRO A 103 -6.88 -20.72 -2.44
C PRO A 103 -5.75 -20.10 -1.64
N PHE A 104 -5.66 -18.76 -1.66
CA PHE A 104 -4.62 -18.08 -0.91
C PHE A 104 -4.79 -18.32 0.59
N LEU A 105 -6.02 -18.19 1.11
CA LEU A 105 -6.24 -18.39 2.53
C LEU A 105 -6.02 -19.85 2.93
N ALA A 106 -6.27 -20.79 2.02
CA ALA A 106 -5.99 -22.19 2.31
C ALA A 106 -4.49 -22.45 2.38
N GLU A 107 -3.70 -21.74 1.57
CA GLU A 107 -2.25 -21.87 1.70
C GLU A 107 -1.77 -21.29 3.03
N LEU A 108 -2.34 -20.15 3.45
CA LEU A 108 -2.00 -19.60 4.75
C LEU A 108 -2.29 -20.61 5.85
N GLN A 109 -3.47 -21.22 5.81
CA GLN A 109 -3.84 -22.19 6.83
C GLN A 109 -2.86 -23.36 6.83
N ALA A 110 -2.49 -23.84 5.65
CA ALA A 110 -1.52 -24.93 5.57
C ALA A 110 -0.17 -24.52 6.15
N ARG A 111 0.19 -23.23 6.04
CA ARG A 111 1.45 -22.72 6.55
C ARG A 111 1.35 -22.30 8.01
N GLY A 112 0.18 -22.38 8.62
CA GLY A 112 0.00 -21.95 9.98
C GLY A 112 0.02 -20.46 10.17
N ILE A 113 -0.29 -19.70 9.11
CA ILE A 113 -0.19 -18.24 9.14
C ILE A 113 -1.60 -17.70 9.44
N PRO A 114 -1.82 -17.08 10.59
CA PRO A 114 -3.12 -16.46 10.83
C PRO A 114 -3.36 -15.33 9.86
N TRP A 115 -4.63 -15.12 9.51
CA TRP A 115 -5.02 -13.95 8.75
C TRP A 115 -6.09 -13.18 9.53
N GLN A 116 -6.15 -11.88 9.27
CA GLN A 116 -7.04 -10.96 9.97
C GLN A 116 -7.70 -10.08 8.93
N GLU A 117 -9.03 -10.03 8.95
CA GLU A 117 -9.77 -9.05 8.17
C GLU A 117 -9.71 -7.70 8.88
N ALA A 118 -9.42 -6.65 8.13
CA ALA A 118 -9.32 -5.32 8.72
C ALA A 118 -10.19 -4.36 7.95
N GLY A 119 -10.86 -3.47 8.67
CA GLY A 119 -11.68 -2.46 8.07
C GLY A 119 -11.62 -1.16 8.83
N ARG A 120 -12.41 -0.18 8.40
CA ARG A 120 -12.39 1.14 8.98
C ARG A 120 -12.43 1.07 10.50
N GLY A 121 -11.50 1.78 11.14
CA GLY A 121 -11.46 1.86 12.59
C GLY A 121 -10.54 0.85 13.23
N ASP A 122 -10.11 -0.17 12.50
CA ASP A 122 -9.13 -1.09 13.03
C ASP A 122 -7.75 -0.44 13.05
N ALA A 123 -6.83 -1.08 13.76
CA ALA A 123 -5.44 -0.66 13.79
C ALA A 123 -4.58 -1.90 13.89
N LEU A 124 -3.38 -1.82 13.33
CA LEU A 124 -2.43 -2.91 13.32
C LEU A 124 -1.38 -2.59 14.37
N ALA A 125 -1.52 -3.20 15.55
CA ALA A 125 -0.54 -3.02 16.61
C ALA A 125 0.65 -3.91 16.30
N LEU A 126 1.82 -3.29 16.11
CA LEU A 126 3.01 -3.98 15.63
C LEU A 126 4.20 -3.42 16.38
N ASP A 127 4.22 -2.10 16.55
CA ASP A 127 5.34 -1.36 17.10
C ASP A 127 4.71 -0.28 17.98
N PRO A 128 5.06 -0.21 19.26
CA PRO A 128 4.37 0.75 20.15
C PRO A 128 4.56 2.20 19.74
N ASP A 129 5.58 2.50 18.95
CA ASP A 129 5.84 3.86 18.50
C ASP A 129 5.13 4.19 17.20
N LEU A 130 4.53 3.21 16.54
CA LEU A 130 3.84 3.42 15.27
C LEU A 130 2.36 3.18 15.45
N ASN A 131 1.56 4.14 14.99
CA ASN A 131 0.12 4.00 14.91
C ASN A 131 -0.21 3.66 13.46
N ILE A 132 -0.76 2.47 13.22
CA ILE A 132 -1.10 2.05 11.86
C ILE A 132 -2.61 1.91 11.83
N GLN A 133 -3.29 2.92 11.28
CA GLN A 133 -4.74 3.00 11.32
C GLN A 133 -5.33 2.54 9.99
N VAL A 134 -6.37 1.73 10.05
CA VAL A 134 -7.12 1.30 8.88
C VAL A 134 -8.29 2.27 8.68
N LEU A 135 -8.30 2.98 7.56
CA LEU A 135 -9.31 4.02 7.35
C LEU A 135 -10.45 3.59 6.44
N HIS A 136 -10.28 2.49 5.72
CA HIS A 136 -11.14 2.14 4.60
C HIS A 136 -10.81 0.71 4.22
N PRO A 137 -11.77 -0.11 3.78
CA PRO A 137 -13.20 0.18 3.67
C PRO A 137 -13.92 -0.13 4.97
N GLY A 138 -15.18 0.26 5.07
CA GLY A 138 -16.00 -0.18 6.18
C GLY A 138 -16.52 -1.58 5.98
N ARG A 139 -17.20 -2.07 7.01
CA ARG A 139 -17.71 -3.43 7.00
C ARG A 139 -19.18 -3.53 6.62
N GLU A 140 -19.89 -2.40 6.56
CA GLU A 140 -21.32 -2.44 6.25
C GLU A 140 -21.55 -3.29 5.02
N ILE A 141 -22.63 -4.09 5.05
CA ILE A 141 -23.15 -4.69 3.83
C ILE A 141 -23.79 -3.56 3.06
N SER A 142 -22.99 -2.88 2.24
CA SER A 142 -23.41 -1.64 1.59
C SER A 142 -23.47 -1.85 0.08
N GLY A 143 -23.73 -0.75 -0.61
CA GLY A 143 -23.76 -0.76 -2.06
C GLY A 143 -22.42 -1.14 -2.62
N SER A 144 -22.44 -2.16 -3.47
CA SER A 144 -21.23 -2.65 -4.10
C SER A 144 -20.13 -2.85 -3.06
N ASN A 145 -20.40 -3.79 -2.15
CA ASN A 145 -19.29 -4.45 -1.49
C ASN A 145 -18.29 -4.97 -2.51
N SER A 146 -18.77 -5.24 -3.73
CA SER A 146 -17.95 -5.77 -4.80
C SER A 146 -17.21 -4.69 -5.59
N ASP A 147 -17.38 -3.41 -5.27
CA ASP A 147 -16.62 -2.38 -5.97
C ASP A 147 -15.15 -2.48 -5.58
N SER A 148 -14.38 -3.23 -6.36
CA SER A 148 -13.04 -3.63 -5.98
C SER A 148 -12.12 -2.48 -5.59
N ASN A 149 -11.72 -1.63 -6.54
CA ASN A 149 -10.72 -0.62 -6.23
C ASN A 149 -11.16 0.24 -5.05
N ASN A 150 -12.43 0.63 -5.01
CA ASN A 150 -12.92 1.50 -3.96
C ASN A 150 -13.06 0.78 -2.63
N ASN A 151 -12.87 -0.52 -2.55
CA ASN A 151 -12.90 -1.20 -1.27
C ASN A 151 -11.55 -1.83 -0.95
N SER A 152 -10.48 -1.25 -1.50
CA SER A 152 -9.15 -1.66 -1.09
C SER A 152 -8.80 -0.99 0.24
N LEU A 153 -7.83 -1.60 0.92
CA LEU A 153 -7.49 -1.22 2.28
C LEU A 153 -6.63 0.03 2.28
N VAL A 154 -7.06 1.04 3.04
CA VAL A 154 -6.32 2.28 3.19
C VAL A 154 -5.71 2.31 4.58
N LEU A 155 -4.41 2.53 4.66
CA LEU A 155 -3.68 2.55 5.92
C LEU A 155 -3.02 3.91 6.10
N LYS A 156 -3.07 4.44 7.32
CA LYS A 156 -2.32 5.63 7.68
C LYS A 156 -1.30 5.23 8.73
N VAL A 157 -0.02 5.43 8.43
CA VAL A 157 1.08 5.05 9.30
C VAL A 157 1.59 6.31 9.96
N ILE A 158 1.60 6.33 11.29
CA ILE A 158 1.94 7.54 12.04
C ILE A 158 3.08 7.24 13.01
N TYR A 159 4.13 8.05 12.93
CA TYR A 159 5.26 8.02 13.86
C TYR A 159 5.42 9.45 14.38
N ARG A 160 4.90 9.72 15.58
CA ARG A 160 4.94 11.07 16.14
C ARG A 160 4.38 12.05 15.11
N GLN A 161 5.19 13.00 14.65
CA GLN A 161 4.71 14.06 13.76
C GLN A 161 4.71 13.66 12.30
N PHE A 162 5.19 12.47 11.97
CA PHE A 162 5.32 12.03 10.60
C PHE A 162 4.21 11.05 10.26
N SER A 163 3.65 11.17 9.08
CA SER A 163 2.57 10.27 8.69
C SER A 163 2.63 9.99 7.19
N LEU A 164 2.16 8.79 6.85
CA LEU A 164 2.20 8.26 5.48
C LEU A 164 0.85 7.63 5.22
N LEU A 165 0.17 8.10 4.19
CA LEU A 165 -1.13 7.58 3.81
C LEU A 165 -0.95 6.62 2.64
N LEU A 166 -1.19 5.34 2.88
CA LEU A 166 -1.07 4.28 1.86
C LEU A 166 -2.47 4.03 1.33
N SER A 167 -2.75 4.56 0.15
CA SER A 167 -4.11 4.65 -0.38
C SER A 167 -4.50 3.45 -1.24
N ALA A 168 -3.62 2.46 -1.41
CA ALA A 168 -3.98 1.28 -2.19
C ALA A 168 -4.48 1.69 -3.57
N ASP A 169 -5.70 1.29 -3.93
CA ASP A 169 -6.21 1.55 -5.28
C ASP A 169 -7.51 2.36 -5.26
N ILE A 170 -7.79 3.11 -4.19
CA ILE A 170 -9.09 3.75 -4.09
C ILE A 170 -9.27 4.78 -5.21
N GLU A 171 -10.53 5.04 -5.54
CA GLU A 171 -10.91 6.01 -6.55
C GLU A 171 -11.76 7.10 -5.91
N ALA A 172 -12.28 8.00 -6.76
CA ALA A 172 -12.91 9.22 -6.24
C ALA A 172 -14.11 8.91 -5.36
N GLU A 173 -14.82 7.81 -5.62
CA GLU A 173 -16.00 7.51 -4.81
C GLU A 173 -15.61 7.20 -3.37
N ALA A 174 -14.57 6.39 -3.19
CA ALA A 174 -14.05 6.13 -1.86
C ALA A 174 -13.50 7.39 -1.23
N MET A 175 -12.78 8.20 -1.99
CA MET A 175 -12.25 9.44 -1.45
C MET A 175 -13.38 10.35 -0.95
N ALA A 176 -14.47 10.47 -1.72
CA ALA A 176 -15.59 11.29 -1.27
C ALA A 176 -16.17 10.74 0.03
N ASP A 177 -16.25 9.43 0.15
CA ASP A 177 -16.77 8.83 1.38
C ASP A 177 -15.86 9.13 2.57
N LEU A 178 -14.54 9.01 2.37
CA LEU A 178 -13.60 9.35 3.43
C LEU A 178 -13.74 10.80 3.86
N LYS A 179 -13.82 11.71 2.87
CA LYS A 179 -14.05 13.12 3.19
C LYS A 179 -15.35 13.32 3.92
N ALA A 180 -16.41 12.65 3.46
CA ALA A 180 -17.73 12.84 4.08
C ALA A 180 -17.76 12.36 5.52
N ASN A 181 -17.05 11.27 5.84
CA ASN A 181 -17.11 10.70 7.18
C ASN A 181 -16.04 11.27 8.11
N GLY A 182 -15.34 12.32 7.70
CA GLY A 182 -14.41 12.99 8.59
C GLY A 182 -13.14 12.23 8.86
N ALA A 183 -12.76 11.31 7.97
CA ALA A 183 -11.53 10.55 8.16
C ALA A 183 -10.34 11.49 8.28
N ASP A 184 -9.43 11.16 9.21
CA ASP A 184 -8.27 12.01 9.46
C ASP A 184 -7.17 11.62 8.47
N VAL A 185 -7.18 12.26 7.30
CA VAL A 185 -6.30 11.86 6.21
C VAL A 185 -5.11 12.80 6.02
N ARG A 186 -5.03 13.88 6.78
CA ARG A 186 -3.91 14.81 6.61
C ARG A 186 -2.60 14.08 6.93
N SER A 187 -1.67 14.11 5.98
CA SER A 187 -0.50 13.26 6.03
C SER A 187 0.72 13.99 5.48
N THR A 188 1.88 13.62 6.01
CA THR A 188 3.13 14.15 5.48
C THR A 188 3.37 13.64 4.07
N VAL A 189 3.13 12.37 3.84
CA VAL A 189 3.43 11.70 2.58
C VAL A 189 2.19 10.97 2.11
N PHE A 190 1.88 11.12 0.83
CA PHE A 190 0.71 10.49 0.21
C PHE A 190 1.20 9.54 -0.88
N LYS A 191 0.87 8.27 -0.73
CA LYS A 191 1.04 7.26 -1.78
C LYS A 191 -0.18 7.38 -2.69
N VAL A 192 0.03 7.83 -3.92
CA VAL A 192 -1.08 8.06 -4.86
C VAL A 192 -1.70 6.74 -5.25
N PRO A 193 -3.04 6.61 -5.21
CA PRO A 193 -3.63 5.29 -5.50
C PRO A 193 -3.58 4.93 -6.97
N HIS A 194 -3.58 3.62 -7.21
CA HIS A 194 -3.66 3.01 -8.54
C HIS A 194 -2.77 3.71 -9.57
N HIS A 195 -1.49 3.84 -9.21
CA HIS A 195 -0.42 4.26 -10.11
C HIS A 195 -0.68 5.62 -10.74
N GLY A 196 -1.46 6.46 -10.07
CA GLY A 196 -1.72 7.77 -10.60
C GLY A 196 -2.83 7.83 -11.62
N SER A 197 -3.75 6.86 -11.59
CA SER A 197 -4.93 6.94 -12.44
C SER A 197 -5.69 8.23 -12.20
N ARG A 198 -6.26 8.77 -13.27
CA ARG A 198 -7.08 9.97 -13.16
C ARG A 198 -8.33 9.75 -12.33
N TYR A 199 -8.75 8.50 -12.11
CA TYR A 199 -9.94 8.24 -11.32
C TYR A 199 -9.68 8.41 -9.82
N GLY A 200 -8.46 8.78 -9.43
CA GLY A 200 -8.20 9.16 -8.06
C GLY A 200 -8.17 10.66 -7.84
N LEU A 201 -8.77 11.43 -8.73
CA LEU A 201 -8.74 12.90 -8.65
C LEU A 201 -10.02 13.39 -7.97
N GLU A 202 -9.97 13.48 -6.65
CA GLU A 202 -11.06 13.98 -5.81
C GLU A 202 -10.46 15.17 -5.04
N ARG A 203 -10.75 16.38 -5.50
CA ARG A 203 -9.97 17.53 -5.05
C ARG A 203 -10.21 17.87 -3.59
N GLU A 204 -11.42 17.67 -3.08
CA GLU A 204 -11.70 17.96 -1.67
C GLU A 204 -10.94 17.01 -0.77
N PHE A 205 -10.94 15.72 -1.11
CA PHE A 205 -10.14 14.74 -0.37
C PHE A 205 -8.66 15.07 -0.43
N LEU A 206 -8.13 15.34 -1.62
CA LEU A 206 -6.71 15.58 -1.75
C LEU A 206 -6.30 16.87 -1.04
N LYS A 207 -7.17 17.88 -1.03
CA LYS A 207 -6.89 19.08 -0.26
C LYS A 207 -6.72 18.74 1.22
N GLN A 208 -7.54 17.84 1.74
CA GLN A 208 -7.46 17.50 3.16
C GLN A 208 -6.21 16.69 3.47
N VAL A 209 -5.79 15.81 2.56
CA VAL A 209 -4.55 15.08 2.77
C VAL A 209 -3.39 16.07 2.93
N ALA A 210 -3.38 17.12 2.12
CA ALA A 210 -2.40 18.19 2.20
C ALA A 210 -0.97 17.66 2.38
N PRO A 211 -0.52 16.78 1.49
CA PRO A 211 0.80 16.16 1.66
C PRO A 211 1.95 17.11 1.33
N GLN A 212 3.10 16.81 1.94
CA GLN A 212 4.32 17.54 1.61
C GLN A 212 5.02 16.95 0.39
N VAL A 213 4.91 15.64 0.16
CA VAL A 213 5.38 15.03 -1.07
C VAL A 213 4.45 13.87 -1.37
N VAL A 214 4.40 13.46 -2.63
CA VAL A 214 3.62 12.29 -3.00
C VAL A 214 4.50 11.30 -3.72
N VAL A 215 4.11 10.04 -3.64
CA VAL A 215 4.86 8.92 -4.21
C VAL A 215 3.92 8.18 -5.15
N ILE A 216 4.37 7.94 -6.37
CA ILE A 216 3.59 7.14 -7.30
C ILE A 216 4.38 5.91 -7.71
N PRO A 217 4.01 4.71 -7.24
CA PRO A 217 4.55 3.48 -7.85
C PRO A 217 3.86 3.25 -9.19
N VAL A 218 4.63 3.21 -10.26
CA VAL A 218 4.06 3.18 -11.61
C VAL A 218 5.13 2.61 -12.53
N GLY A 219 4.68 1.92 -13.57
CA GLY A 219 5.57 1.25 -14.49
C GLY A 219 5.77 2.01 -15.78
N GLU A 220 6.99 1.96 -16.31
CA GLU A 220 7.29 2.56 -17.60
C GLU A 220 6.51 1.87 -18.71
N LYS A 221 5.91 2.67 -19.58
CA LYS A 221 5.18 2.13 -20.73
C LYS A 221 4.12 1.13 -20.28
N ASN A 222 3.46 1.43 -19.15
CA ASN A 222 2.26 0.69 -18.82
C ASN A 222 1.18 0.94 -19.87
N ASN A 223 0.13 0.14 -19.82
CA ASN A 223 -0.90 0.17 -20.85
C ASN A 223 -1.95 1.25 -20.65
N PHE A 224 -1.88 2.00 -19.54
CA PHE A 224 -2.98 2.87 -19.14
C PHE A 224 -2.64 4.35 -19.23
N GLY A 225 -1.44 4.69 -19.68
CA GLY A 225 -1.03 6.07 -19.65
C GLY A 225 -0.76 6.62 -18.28
N HIS A 226 -0.56 5.75 -17.29
CA HIS A 226 -0.26 6.20 -15.94
C HIS A 226 1.18 6.72 -15.85
N PRO A 227 1.42 7.74 -15.01
CA PRO A 227 0.45 8.49 -14.19
C PRO A 227 -0.30 9.48 -15.08
N ALA A 228 -1.57 9.71 -14.80
CA ALA A 228 -2.37 10.55 -15.69
C ALA A 228 -1.86 11.98 -15.66
N PRO A 229 -1.85 12.67 -16.80
CA PRO A 229 -1.47 14.09 -16.79
C PRO A 229 -2.29 14.94 -15.84
N GLU A 230 -3.58 14.61 -15.66
CA GLU A 230 -4.43 15.37 -14.75
C GLU A 230 -3.93 15.28 -13.31
N ILE A 231 -3.37 14.12 -12.94
CA ILE A 231 -2.85 13.91 -11.59
C ILE A 231 -1.56 14.68 -11.39
N LEU A 232 -0.64 14.58 -12.36
CA LEU A 232 0.59 15.35 -12.28
C LEU A 232 0.29 16.85 -12.27
N SER A 233 -0.66 17.28 -13.10
CA SER A 233 -1.03 18.69 -13.11
C SER A 233 -1.56 19.13 -11.76
N TYR A 234 -2.34 18.28 -11.11
CA TYR A 234 -2.88 18.64 -9.82
C TYR A 234 -1.77 18.90 -8.80
N TRP A 235 -0.80 17.99 -8.69
CA TRP A 235 0.26 18.20 -7.72
C TRP A 235 1.13 19.39 -8.08
N GLN A 236 1.29 19.69 -9.38
CA GLN A 236 1.96 20.93 -9.76
C GLN A 236 1.19 22.14 -9.24
N GLU A 237 -0.13 22.15 -9.45
CA GLU A 237 -0.97 23.24 -8.94
C GLU A 237 -0.80 23.42 -7.43
N MET A 238 -0.57 22.34 -6.70
CA MET A 238 -0.44 22.39 -5.25
C MET A 238 1.00 22.60 -4.79
N GLY A 239 1.96 22.61 -5.71
CA GLY A 239 3.35 22.79 -5.34
C GLY A 239 3.96 21.62 -4.58
N VAL A 240 3.52 20.41 -4.85
CA VAL A 240 3.91 19.21 -4.11
C VAL A 240 4.82 18.37 -5.00
N PRO A 241 6.05 18.08 -4.58
CA PRO A 241 6.93 17.24 -5.40
C PRO A 241 6.37 15.83 -5.56
N VAL A 242 6.53 15.27 -6.77
CA VAL A 242 6.09 13.92 -7.10
C VAL A 242 7.32 13.04 -7.30
N TYR A 243 7.36 11.93 -6.56
CA TYR A 243 8.34 10.88 -6.73
C TYR A 243 7.68 9.69 -7.39
N ARG A 244 8.36 9.10 -8.38
CA ARG A 244 7.79 8.03 -9.19
C ARG A 244 8.78 6.89 -9.36
N THR A 245 8.33 5.65 -9.20
CA THR A 245 9.29 4.55 -9.30
C THR A 245 9.76 4.33 -10.74
N ASP A 246 8.93 4.65 -11.74
CA ASP A 246 9.36 4.41 -13.11
C ASP A 246 10.56 5.28 -13.48
N ARG A 247 10.55 6.54 -13.02
CA ARG A 247 11.62 7.48 -13.37
C ARG A 247 12.76 7.48 -12.39
N GLN A 248 12.52 7.07 -11.14
CA GLN A 248 13.47 7.28 -10.05
C GLN A 248 13.78 6.00 -9.29
N GLY A 249 13.20 4.86 -9.68
CA GLY A 249 13.53 3.63 -9.02
C GLY A 249 12.86 3.56 -7.65
N ALA A 250 13.44 2.74 -6.78
CA ALA A 250 12.94 2.64 -5.42
C ALA A 250 13.02 4.00 -4.73
N ILE A 251 11.96 4.34 -4.00
CA ILE A 251 11.86 5.59 -3.24
C ILE A 251 11.97 5.23 -1.78
N ILE A 252 12.87 5.90 -1.06
CA ILE A 252 13.13 5.57 0.35
C ILE A 252 12.82 6.79 1.20
N ILE A 253 11.96 6.63 2.19
CA ILE A 253 11.64 7.70 3.12
C ILE A 253 12.08 7.26 4.51
N LYS A 254 12.81 8.13 5.20
CA LYS A 254 13.25 7.87 6.56
C LYS A 254 12.75 9.00 7.46
N SER A 255 12.41 8.66 8.70
CA SER A 255 11.98 9.69 9.64
C SER A 255 12.27 9.27 11.07
N ASP A 256 12.69 10.23 11.88
CA ASP A 256 12.77 10.03 13.32
C ASP A 256 11.52 10.51 14.04
N GLY A 257 10.45 10.81 13.31
CA GLY A 257 9.23 11.30 13.89
C GLY A 257 9.11 12.80 13.93
N GLU A 258 10.19 13.53 13.66
CA GLU A 258 10.16 14.98 13.57
C GLU A 258 10.77 15.41 12.24
N ARG A 259 12.01 14.97 11.99
CA ARG A 259 12.66 15.16 10.70
C ARG A 259 12.37 13.97 9.81
N TRP A 260 12.37 14.21 8.50
CA TRP A 260 12.16 13.14 7.53
C TRP A 260 12.88 13.53 6.24
N GLN A 261 13.17 12.52 5.42
CA GLN A 261 13.88 12.73 4.17
C GLN A 261 13.37 11.72 3.15
N VAL A 262 13.39 12.12 1.89
CA VAL A 262 13.05 11.25 0.77
C VAL A 262 14.27 11.14 -0.12
N ASN A 263 14.60 9.91 -0.51
CA ASN A 263 15.72 9.67 -1.42
C ASN A 263 15.27 8.71 -2.50
N THR A 264 16.01 8.73 -3.60
CA THR A 264 15.69 7.95 -4.78
C THR A 264 16.87 7.07 -5.16
N THR A 265 16.62 6.15 -6.08
CA THR A 265 17.68 5.26 -6.54
C THR A 265 18.35 5.79 -7.80
N ILE A 266 17.56 6.27 -8.76
CA ILE A 266 18.13 6.67 -10.05
C ILE A 266 18.28 8.16 -10.31
#